data_1HTH
#
_entry.id   1HTH
#
_cell.length_a   1.000
_cell.length_b   1.000
_cell.length_c   1.000
_cell.angle_alpha   90.00
_cell.angle_beta   90.00
_cell.angle_gamma   90.00
#
_symmetry.space_group_name_H-M   'P 1'
#
_entity_poly.entity_id   1
_entity_poly.type   'polypeptide(L)'
_entity_poly.pdbx_seq_one_letter_code
;SVSEIQL(NLE)HNLG(ORN)HLNE(NLE)ERVEWLRKKLQDVHNF
;
_entity_poly.pdbx_strand_id   A
#
# COMPACT_ATOMS: atom_id res chain seq x y z
N SER A 1 -18.86 -1.07 6.86
CA SER A 1 -19.35 0.33 6.84
C SER A 1 -18.29 1.23 6.17
N VAL A 2 -18.69 2.41 5.76
CA VAL A 2 -17.71 3.32 5.12
C VAL A 2 -17.39 4.47 6.06
N SER A 3 -16.17 4.92 6.09
CA SER A 3 -15.81 6.04 7.01
C SER A 3 -15.97 7.39 6.29
N GLU A 4 -16.04 8.45 7.04
CA GLU A 4 -16.20 9.80 6.43
C GLU A 4 -14.97 10.14 5.59
N ILE A 5 -13.81 10.08 6.20
CA ILE A 5 -12.56 10.38 5.44
C ILE A 5 -12.02 9.10 4.80
N GLN A 6 -12.90 8.21 4.41
CA GLN A 6 -12.45 6.94 3.79
C GLN A 6 -12.10 7.19 2.32
N LEU A 7 -12.89 7.95 1.62
CA LEU A 7 -12.59 8.20 0.18
C LEU A 7 -11.39 9.15 0.08
N HIS A 9 -8.82 8.65 1.99
CA HIS A 9 -7.67 7.76 2.32
C HIS A 9 -7.19 7.07 1.02
N ASN A 10 -7.78 7.40 -0.10
CA ASN A 10 -7.36 6.76 -1.37
C ASN A 10 -6.30 7.62 -2.05
N LEU A 11 -6.58 8.89 -2.25
CA LEU A 11 -5.60 9.79 -2.90
C LEU A 11 -5.50 11.10 -2.13
N GLY A 12 -6.10 11.16 -0.98
CA GLY A 12 -6.04 12.42 -0.18
C GLY A 12 -5.10 12.22 1.01
N HIS A 14 -1.38 10.56 0.44
CA HIS A 14 0.01 10.64 -0.10
C HIS A 14 0.23 9.52 -1.12
N LEU A 15 0.70 9.86 -2.30
CA LEU A 15 0.94 8.80 -3.32
C LEU A 15 2.18 7.98 -2.93
N ASN A 16 2.84 8.41 -1.90
CA ASN A 16 4.06 7.68 -1.44
C ASN A 16 3.68 6.71 -0.32
N GLU A 17 2.44 6.74 0.10
CA GLU A 17 1.99 5.84 1.20
C GLU A 17 1.57 4.48 0.64
N GLU A 19 3.56 3.04 -2.26
CA GLU A 19 4.56 2.68 -3.31
C GLU A 19 5.21 1.35 -2.93
N ARG A 20 6.11 1.36 -1.99
CA ARG A 20 6.76 0.09 -1.57
C ARG A 20 5.90 -0.58 -0.50
N VAL A 21 5.44 0.13 0.49
CA VAL A 21 4.55 -0.55 1.49
C VAL A 21 3.57 -1.44 0.72
N GLU A 22 3.30 -1.05 -0.49
CA GLU A 22 2.43 -1.88 -1.36
C GLU A 22 3.21 -3.12 -1.76
N TRP A 23 4.23 -2.89 -2.52
CA TRP A 23 5.06 -3.98 -3.04
C TRP A 23 5.82 -4.63 -1.89
N LEU A 24 6.56 -3.88 -1.16
CA LEU A 24 7.33 -4.44 0.00
C LEU A 24 6.55 -5.59 0.64
N ARG A 25 5.26 -5.44 0.76
CA ARG A 25 4.43 -6.52 1.40
C ARG A 25 4.60 -7.83 0.61
N LYS A 26 4.35 -7.79 -0.67
CA LYS A 26 4.48 -9.03 -1.49
C LYS A 26 5.92 -9.55 -1.42
N LYS A 27 6.84 -8.78 -0.91
CA LYS A 27 8.24 -9.24 -0.82
C LYS A 27 8.30 -10.60 -0.12
N LEU A 28 7.45 -10.82 0.84
CA LEU A 28 7.47 -12.13 1.57
C LEU A 28 6.44 -13.08 0.95
N GLN A 29 5.30 -12.57 0.57
CA GLN A 29 4.26 -13.45 -0.02
C GLN A 29 4.85 -14.23 -1.20
N ASP A 30 5.20 -13.56 -2.26
CA ASP A 30 5.79 -14.26 -3.43
C ASP A 30 7.25 -14.63 -3.12
N VAL A 31 7.75 -14.21 -1.99
CA VAL A 31 9.17 -14.53 -1.61
C VAL A 31 10.07 -14.48 -2.84
N HIS A 32 10.73 -13.36 -3.06
CA HIS A 32 11.64 -13.23 -4.23
C HIS A 32 12.65 -14.38 -4.21
N ASN A 33 12.29 -15.49 -4.79
CA ASN A 33 13.22 -16.65 -4.82
C ASN A 33 14.57 -16.23 -5.39
N PHE A 34 14.57 -15.35 -6.35
CA PHE A 34 15.87 -14.88 -6.94
C PHE A 34 16.58 -16.07 -7.59
N SER A 1 -8.78 14.21 -25.29
CA SER A 1 -8.16 15.04 -24.22
C SER A 1 -8.19 14.27 -22.90
N VAL A 2 -7.05 14.00 -22.33
CA VAL A 2 -7.02 13.25 -21.05
C VAL A 2 -6.13 14.00 -20.04
N SER A 3 -6.48 13.98 -18.79
CA SER A 3 -5.66 14.69 -17.77
C SER A 3 -4.67 13.71 -17.14
N GLU A 4 -3.39 13.91 -17.37
CA GLU A 4 -2.38 12.99 -16.79
C GLU A 4 -2.41 13.09 -15.27
N ILE A 5 -2.57 14.27 -14.74
CA ILE A 5 -2.60 14.43 -13.26
C ILE A 5 -4.05 14.32 -12.77
N GLN A 6 -4.83 13.46 -13.36
CA GLN A 6 -6.24 13.31 -12.92
C GLN A 6 -6.52 11.83 -12.61
N LEU A 7 -6.08 10.94 -13.45
CA LEU A 7 -6.32 9.49 -13.16
C LEU A 7 -5.45 9.05 -12.00
N HIS A 9 -5.21 11.02 -9.39
CA HIS A 9 -6.01 11.56 -8.24
C HIS A 9 -7.13 10.57 -7.93
N ASN A 10 -7.32 9.59 -8.76
CA ASN A 10 -8.39 8.58 -8.53
C ASN A 10 -8.11 7.83 -7.22
N LEU A 11 -6.88 7.82 -6.79
CA LEU A 11 -6.54 7.11 -5.53
C LEU A 11 -6.81 8.03 -4.35
N GLY A 12 -5.83 8.82 -3.97
CA GLY A 12 -6.03 9.75 -2.82
C GLY A 12 -5.58 9.06 -1.53
N HIS A 14 -6.75 6.55 1.55
CA HIS A 14 -7.65 6.91 2.69
C HIS A 14 -7.30 6.06 3.92
N LEU A 15 -8.26 5.32 4.45
CA LEU A 15 -7.95 4.48 5.65
C LEU A 15 -7.43 3.12 5.18
N ASN A 16 -7.04 3.03 3.94
CA ASN A 16 -6.52 1.75 3.41
C ASN A 16 -5.00 1.72 3.56
N GLU A 17 -4.41 2.75 4.08
CA GLU A 17 -2.93 2.77 4.23
C GLU A 17 -2.54 2.31 5.64
N GLU A 19 -3.99 0.01 7.22
CA GLU A 19 -4.50 -1.38 7.37
C GLU A 19 -3.38 -2.36 7.03
N ARG A 20 -2.51 -1.96 6.14
CA ARG A 20 -1.37 -2.83 5.74
C ARG A 20 -0.24 -2.68 6.75
N VAL A 21 0.03 -1.51 7.25
CA VAL A 21 1.12 -1.41 8.26
C VAL A 21 0.94 -2.56 9.25
N GLU A 22 -0.27 -3.01 9.38
CA GLU A 22 -0.55 -4.17 10.25
C GLU A 22 0.01 -5.39 9.56
N TRP A 23 -0.65 -5.73 8.50
CA TRP A 23 -0.28 -6.92 7.72
C TRP A 23 1.12 -6.76 7.18
N LEU A 24 1.36 -5.74 6.42
CA LEU A 24 2.70 -5.52 5.83
C LEU A 24 3.79 -5.96 6.81
N ARG A 25 3.72 -5.51 8.04
CA ARG A 25 4.75 -5.93 9.03
C ARG A 25 4.90 -7.44 9.00
N LYS A 26 3.83 -8.15 9.25
CA LYS A 26 3.91 -9.63 9.22
C LYS A 26 3.91 -10.10 7.77
N LYS A 27 3.67 -11.37 7.53
CA LYS A 27 3.68 -11.87 6.12
C LYS A 27 5.07 -11.64 5.52
N LEU A 28 5.30 -10.51 4.92
CA LEU A 28 6.64 -10.24 4.33
C LEU A 28 7.72 -10.66 5.32
N GLN A 29 7.58 -10.27 6.56
CA GLN A 29 8.59 -10.65 7.58
C GLN A 29 8.91 -12.15 7.44
N ASP A 30 10.01 -12.46 6.83
CA ASP A 30 10.38 -13.90 6.68
C ASP A 30 11.70 -14.01 5.92
N VAL A 31 11.90 -13.18 4.94
CA VAL A 31 13.16 -13.23 4.15
C VAL A 31 13.57 -14.68 3.88
N HIS A 32 12.62 -15.58 3.85
CA HIS A 32 12.95 -17.01 3.58
C HIS A 32 14.24 -17.40 4.29
N ASN A 33 14.35 -17.10 5.56
CA ASN A 33 15.60 -17.45 6.31
C ASN A 33 15.41 -18.82 6.96
N PHE A 34 14.65 -19.69 6.36
CA PHE A 34 14.43 -21.04 6.94
C PHE A 34 14.22 -20.91 8.45
N SER A 1 -4.38 16.57 14.89
CA SER A 1 -5.15 17.30 13.83
C SER A 1 -4.86 16.65 12.47
N VAL A 2 -5.03 15.36 12.37
CA VAL A 2 -4.77 14.68 11.07
C VAL A 2 -6.01 13.86 10.66
N SER A 3 -6.46 14.05 9.45
CA SER A 3 -7.66 13.28 8.99
C SER A 3 -7.20 12.01 8.29
N GLU A 4 -6.03 11.54 8.61
CA GLU A 4 -5.51 10.30 7.97
C GLU A 4 -6.42 9.11 8.31
N ILE A 5 -6.93 9.06 9.50
CA ILE A 5 -7.81 7.92 9.88
C ILE A 5 -9.26 8.25 9.52
N GLN A 6 -9.47 9.14 8.60
CA GLN A 6 -10.85 9.50 8.20
C GLN A 6 -11.03 9.16 6.72
N LEU A 7 -10.09 9.52 5.90
CA LEU A 7 -10.21 9.19 4.45
C LEU A 7 -10.06 7.69 4.27
N HIS A 9 -11.69 5.66 6.30
CA HIS A 9 -13.03 5.15 6.71
C HIS A 9 -13.91 4.99 5.45
N ASN A 10 -13.91 5.98 4.61
CA ASN A 10 -14.74 5.91 3.37
C ASN A 10 -14.27 4.73 2.51
N LEU A 11 -13.08 4.25 2.73
CA LEU A 11 -12.57 3.11 1.91
C LEU A 11 -12.11 1.98 2.83
N GLY A 12 -13.03 1.23 3.37
CA GLY A 12 -12.66 0.10 4.27
C GLY A 12 -12.68 -1.20 3.48
N HIS A 14 -12.38 -3.99 3.95
CA HIS A 14 -11.23 -4.88 4.28
C HIS A 14 -9.94 -4.23 3.79
N LEU A 15 -8.96 -4.08 4.65
CA LEU A 15 -7.68 -3.45 4.22
C LEU A 15 -6.74 -4.52 3.66
N ASN A 16 -7.29 -5.63 3.23
CA ASN A 16 -6.44 -6.72 2.67
C ASN A 16 -6.29 -6.54 1.16
N GLU A 17 -6.95 -5.56 0.59
CA GLU A 17 -6.85 -5.34 -0.87
C GLU A 17 -5.54 -4.62 -1.21
N GLU A 19 -2.82 -4.74 0.43
CA GLU A 19 -1.74 -5.37 1.24
C GLU A 19 -0.54 -5.70 0.36
N ARG A 20 -0.77 -6.33 -0.76
CA ARG A 20 0.36 -6.68 -1.66
C ARG A 20 0.68 -5.48 -2.56
N VAL A 21 -0.26 -4.94 -3.28
CA VAL A 21 0.09 -3.75 -4.12
C VAL A 21 0.93 -2.82 -3.24
N GLU A 22 0.73 -2.91 -1.95
CA GLU A 22 1.54 -2.13 -1.00
C GLU A 22 2.94 -2.71 -0.97
N TRP A 23 3.01 -3.90 -0.47
CA TRP A 23 4.28 -4.61 -0.32
C TRP A 23 4.84 -4.96 -1.68
N LEU A 24 4.10 -5.64 -2.47
CA LEU A 24 4.57 -5.99 -3.84
C LEU A 24 5.26 -4.76 -4.46
N ARG A 25 4.74 -3.60 -4.20
CA ARG A 25 5.33 -2.35 -4.79
C ARG A 25 6.85 -2.34 -4.60
N LYS A 26 7.30 -2.60 -3.40
CA LYS A 26 8.78 -2.58 -3.14
C LYS A 26 9.42 -3.90 -3.61
N LYS A 27 8.97 -4.44 -4.71
CA LYS A 27 9.57 -5.70 -5.23
C LYS A 27 10.29 -5.41 -6.54
N LEU A 28 9.78 -4.46 -7.29
CA LEU A 28 10.42 -4.10 -8.59
C LEU A 28 11.35 -2.91 -8.37
N GLN A 29 11.03 -2.06 -7.43
CA GLN A 29 11.90 -0.88 -7.17
C GLN A 29 13.27 -1.36 -6.69
N ASP A 30 13.39 -2.62 -6.35
CA ASP A 30 14.70 -3.15 -5.89
C ASP A 30 15.37 -3.89 -7.05
N VAL A 31 15.50 -3.26 -8.17
CA VAL A 31 16.15 -3.93 -9.35
C VAL A 31 17.45 -3.21 -9.68
N HIS A 32 18.52 -3.58 -9.03
CA HIS A 32 19.84 -2.93 -9.31
C HIS A 32 20.59 -3.76 -10.35
N ASN A 33 19.93 -4.71 -10.95
CA ASN A 33 20.61 -5.55 -11.97
C ASN A 33 20.86 -4.73 -13.23
N PHE A 34 19.96 -3.86 -13.58
CA PHE A 34 20.14 -3.02 -14.79
C PHE A 34 20.85 -1.72 -14.41
N SER A 1 -25.30 19.26 -5.42
CA SER A 1 -24.18 20.24 -5.21
C SER A 1 -23.51 19.93 -3.86
N VAL A 2 -22.86 18.80 -3.76
CA VAL A 2 -22.18 18.44 -2.48
C VAL A 2 -20.68 18.26 -2.75
N SER A 3 -19.89 18.29 -1.72
CA SER A 3 -18.41 18.13 -1.91
C SER A 3 -18.05 16.64 -1.90
N GLU A 4 -18.85 15.83 -2.52
CA GLU A 4 -18.55 14.37 -2.56
C GLU A 4 -17.22 14.13 -3.27
N ILE A 5 -16.99 14.78 -4.38
CA ILE A 5 -15.72 14.59 -5.11
C ILE A 5 -14.65 15.52 -4.54
N GLN A 6 -14.25 15.29 -3.32
CA GLN A 6 -13.21 16.15 -2.70
C GLN A 6 -12.55 15.39 -1.55
N LEU A 7 -13.34 14.84 -0.66
CA LEU A 7 -12.74 14.06 0.45
C LEU A 7 -12.21 12.74 -0.09
N HIS A 9 -10.35 12.82 -2.77
CA HIS A 9 -9.05 13.24 -3.34
C HIS A 9 -7.96 13.08 -2.28
N ASN A 10 -8.35 12.84 -1.06
CA ASN A 10 -7.35 12.68 0.04
C ASN A 10 -6.82 11.25 0.03
N LEU A 11 -7.64 10.30 -0.32
CA LEU A 11 -7.17 8.88 -0.35
C LEU A 11 -5.85 8.80 -1.12
N GLY A 12 -5.86 9.17 -2.37
CA GLY A 12 -4.61 9.11 -3.17
C GLY A 12 -4.38 7.69 -3.69
N HIS A 14 -5.05 5.17 -2.25
CA HIS A 14 -4.88 4.27 -1.07
C HIS A 14 -3.46 3.70 -1.07
N LEU A 15 -2.81 3.71 0.06
CA LEU A 15 -1.42 3.16 0.13
C LEU A 15 -1.48 1.65 0.36
N ASN A 16 -2.59 1.04 0.06
CA ASN A 16 -2.71 -0.44 0.24
C ASN A 16 -2.11 -1.15 -0.97
N GLU A 17 -1.79 -0.41 -2.01
CA GLU A 17 -1.18 -1.04 -3.22
C GLU A 17 0.28 -1.34 -2.93
N GLU A 19 1.47 -2.68 -0.45
CA GLU A 19 1.49 -3.67 0.66
C GLU A 19 2.12 -4.99 0.19
N ARG A 20 2.03 -5.29 -1.08
CA ARG A 20 2.62 -6.56 -1.58
C ARG A 20 4.06 -6.34 -2.00
N VAL A 21 4.34 -5.53 -3.00
CA VAL A 21 5.78 -5.32 -3.33
C VAL A 21 6.52 -5.09 -2.01
N GLU A 22 5.80 -4.61 -1.03
CA GLU A 22 6.37 -4.44 0.32
C GLU A 22 6.68 -5.82 0.88
N TRP A 23 5.63 -6.53 1.16
CA TRP A 23 5.75 -7.87 1.74
C TRP A 23 6.49 -8.75 0.75
N LEU A 24 5.97 -8.88 -0.42
CA LEU A 24 6.63 -9.70 -1.46
C LEU A 24 8.15 -9.46 -1.45
N ARG A 25 8.57 -8.26 -1.18
CA ARG A 25 10.03 -7.97 -1.16
C ARG A 25 10.73 -8.83 -0.11
N LYS A 26 10.22 -8.87 1.08
CA LYS A 26 10.86 -9.68 2.15
C LYS A 26 10.80 -11.17 1.80
N LYS A 27 10.09 -11.52 0.75
CA LYS A 27 10.02 -12.96 0.36
C LYS A 27 11.40 -13.44 -0.09
N LEU A 28 11.85 -14.55 0.43
CA LEU A 28 13.20 -15.09 0.05
C LEU A 28 14.29 -14.35 0.82
N GLN A 29 13.93 -13.31 1.53
CA GLN A 29 14.96 -12.55 2.30
C GLN A 29 14.48 -12.38 3.75
N ASP A 30 13.40 -13.01 4.12
CA ASP A 30 12.89 -12.88 5.51
C ASP A 30 13.77 -13.72 6.43
N VAL A 31 14.39 -14.75 5.92
CA VAL A 31 15.25 -15.61 6.76
C VAL A 31 16.69 -15.08 6.74
N HIS A 32 16.85 -13.79 6.55
CA HIS A 32 18.22 -13.22 6.51
C HIS A 32 18.16 -11.71 6.74
N ASN A 33 17.57 -11.29 7.83
CA ASN A 33 17.49 -9.82 8.10
C ASN A 33 16.48 -9.56 9.22
N PHE A 34 15.21 -9.63 8.92
CA PHE A 34 14.18 -9.37 9.97
C PHE A 34 14.52 -10.20 11.22
N SER A 1 -1.72 16.58 -15.30
CA SER A 1 -2.53 16.36 -16.53
C SER A 1 -3.82 15.62 -16.17
N VAL A 2 -4.53 15.13 -17.14
CA VAL A 2 -5.79 14.40 -16.86
C VAL A 2 -6.70 15.27 -15.98
N SER A 3 -7.84 14.78 -15.59
CA SER A 3 -8.76 15.60 -14.74
C SER A 3 -8.36 15.45 -13.27
N GLU A 4 -8.69 16.40 -12.46
CA GLU A 4 -8.33 16.31 -11.01
C GLU A 4 -9.16 15.21 -10.33
N ILE A 5 -10.43 15.15 -10.62
CA ILE A 5 -11.29 14.11 -9.98
C ILE A 5 -11.38 12.88 -10.90
N GLN A 6 -10.33 12.61 -11.63
CA GLN A 6 -10.36 11.42 -12.53
C GLN A 6 -9.22 10.47 -12.16
N LEU A 7 -8.08 11.00 -11.79
CA LEU A 7 -6.94 10.11 -11.43
C LEU A 7 -7.15 9.59 -10.02
N HIS A 9 -10.02 8.34 -9.21
CA HIS A 9 -10.99 7.23 -9.43
C HIS A 9 -10.20 5.93 -9.65
N ASN A 10 -8.94 6.03 -9.97
CA ASN A 10 -8.13 4.80 -10.20
C ASN A 10 -7.75 4.18 -8.86
N LEU A 11 -7.38 4.97 -7.91
CA LEU A 11 -6.99 4.41 -6.58
C LEU A 11 -7.78 5.11 -5.47
N GLY A 12 -8.94 4.60 -5.15
CA GLY A 12 -9.76 5.24 -4.07
C GLY A 12 -9.35 4.65 -2.72
N HIS A 14 -9.11 1.64 -1.50
CA HIS A 14 -10.16 0.69 -1.01
C HIS A 14 -9.56 -0.19 0.09
N LEU A 15 -9.12 -1.39 -0.22
CA LEU A 15 -8.53 -2.25 0.84
C LEU A 15 -7.03 -1.95 0.98
N ASN A 16 -6.60 -0.83 0.46
CA ASN A 16 -5.16 -0.47 0.56
C ASN A 16 -4.86 0.02 1.98
N GLU A 17 -5.87 0.31 2.74
CA GLU A 17 -5.64 0.78 4.13
C GLU A 17 -5.02 -0.34 4.95
N GLU A 19 -3.41 -2.75 3.83
CA GLU A 19 -2.44 -3.44 2.95
C GLU A 19 -1.02 -3.19 3.44
N ARG A 20 -0.79 -2.08 4.10
CA ARG A 20 0.58 -1.79 4.60
C ARG A 20 0.76 -2.39 5.99
N VAL A 21 -0.14 -2.18 6.91
CA VAL A 21 0.06 -2.83 8.24
C VAL A 21 0.43 -4.29 7.97
N GLU A 22 -0.01 -4.79 6.85
CA GLU A 22 0.35 -6.16 6.42
C GLU A 22 1.84 -6.19 6.13
N TRP A 23 2.19 -5.53 5.08
CA TRP A 23 3.59 -5.51 4.64
C TRP A 23 4.45 -4.95 5.76
N LEU A 24 4.14 -3.78 6.20
CA LEU A 24 4.90 -3.13 7.31
C LEU A 24 5.35 -4.17 8.35
N ARG A 25 4.51 -5.11 8.69
CA ARG A 25 4.92 -6.12 9.71
C ARG A 25 5.67 -7.28 9.04
N LYS A 26 5.30 -7.61 7.83
CA LYS A 26 5.99 -8.74 7.13
C LYS A 26 7.05 -8.17 6.18
N LYS A 27 7.71 -7.13 6.57
CA LYS A 27 8.75 -6.54 5.67
C LYS A 27 10.14 -6.94 6.16
N LEU A 28 10.48 -6.61 7.38
CA LEU A 28 11.82 -6.97 7.91
C LEU A 28 11.81 -8.43 8.39
N GLN A 29 10.76 -9.14 8.15
CA GLN A 29 10.70 -10.56 8.60
C GLN A 29 10.18 -11.44 7.46
N ASP A 30 10.54 -11.13 6.25
CA ASP A 30 10.07 -11.94 5.10
C ASP A 30 11.27 -12.59 4.40
N VAL A 31 12.21 -11.79 3.96
CA VAL A 31 13.40 -12.35 3.28
C VAL A 31 14.25 -11.21 2.70
N HIS A 32 15.13 -10.67 3.48
CA HIS A 32 15.98 -9.55 2.98
C HIS A 32 17.14 -9.34 3.95
N ASN A 33 17.68 -10.40 4.48
CA ASN A 33 18.82 -10.25 5.45
C ASN A 33 20.13 -10.59 4.73
N PHE A 34 20.41 -11.85 4.54
CA PHE A 34 21.68 -12.23 3.85
C PHE A 34 21.78 -13.76 3.77
N SER A 1 2.20 15.07 -11.41
CA SER A 1 1.16 14.77 -12.43
C SER A 1 1.80 14.68 -13.82
N VAL A 2 2.62 15.64 -14.16
CA VAL A 2 3.28 15.61 -15.49
C VAL A 2 4.19 14.37 -15.60
N SER A 3 4.99 14.30 -16.62
CA SER A 3 5.88 13.11 -16.78
C SER A 3 7.25 13.41 -16.16
N GLU A 4 7.32 14.34 -15.25
CA GLU A 4 8.63 14.67 -14.63
C GLU A 4 8.75 13.90 -13.31
N ILE A 5 7.71 13.87 -12.53
CA ILE A 5 7.76 13.13 -11.23
C ILE A 5 7.30 11.69 -11.45
N GLN A 6 7.66 11.11 -12.56
CA GLN A 6 7.24 9.71 -12.84
C GLN A 6 8.26 8.74 -12.24
N LEU A 7 9.52 8.93 -12.53
CA LEU A 7 10.54 8.01 -11.97
C LEU A 7 10.58 8.15 -10.46
N HIS A 9 7.71 8.58 -8.81
CA HIS A 9 6.44 7.93 -8.39
C HIS A 9 6.65 6.42 -8.25
N ASN A 10 7.78 5.93 -8.69
CA ASN A 10 8.05 4.47 -8.59
C ASN A 10 8.25 4.07 -7.13
N LEU A 11 9.17 4.71 -6.46
CA LEU A 11 9.41 4.36 -5.02
C LEU A 11 9.33 5.62 -4.18
N GLY A 12 8.15 6.00 -3.77
CA GLY A 12 8.00 7.23 -2.94
C GLY A 12 7.02 8.19 -3.61
N HIS A 14 3.07 8.22 -2.52
CA HIS A 14 2.00 8.53 -1.53
C HIS A 14 1.77 7.31 -0.64
N LEU A 15 1.90 7.46 0.64
CA LEU A 15 1.66 6.30 1.55
C LEU A 15 0.16 6.04 1.69
N ASN A 16 -0.62 6.81 1.00
CA ASN A 16 -2.10 6.63 1.06
C ASN A 16 -2.47 5.41 0.21
N GLU A 17 -1.65 5.07 -0.75
CA GLU A 17 -1.93 3.91 -1.61
C GLU A 17 -1.24 2.67 -1.03
N GLU A 19 -1.08 2.27 2.52
CA GLU A 19 -1.42 2.24 3.96
C GLU A 19 -2.36 1.08 4.24
N ARG A 20 -2.90 0.49 3.22
CA ARG A 20 -3.83 -0.65 3.41
C ARG A 20 -3.06 -1.96 3.40
N VAL A 21 -2.24 -2.24 2.42
CA VAL A 21 -1.47 -3.51 2.50
C VAL A 21 -0.89 -3.59 3.91
N GLU A 22 -0.70 -2.45 4.51
CA GLU A 22 -0.23 -2.39 5.92
C GLU A 22 -1.33 -2.95 6.81
N TRP A 23 -2.39 -2.19 6.89
CA TRP A 23 -3.53 -2.57 7.74
C TRP A 23 -4.09 -3.89 7.24
N LEU A 24 -4.45 -3.93 6.01
CA LEU A 24 -5.00 -5.19 5.44
C LEU A 24 -4.12 -6.37 5.85
N ARG A 25 -2.82 -6.19 5.85
CA ARG A 25 -1.91 -7.32 6.24
C ARG A 25 -2.49 -8.06 7.44
N LYS A 26 -2.94 -7.33 8.43
CA LYS A 26 -3.55 -7.97 9.62
C LYS A 26 -5.02 -8.27 9.33
N LYS A 27 -5.31 -8.81 8.18
CA LYS A 27 -6.72 -9.12 7.82
C LYS A 27 -6.77 -10.41 7.03
N LEU A 28 -5.93 -10.56 6.04
CA LEU A 28 -5.93 -11.81 5.24
C LEU A 28 -5.18 -12.90 6.02
N GLN A 29 -4.36 -12.51 6.96
CA GLN A 29 -3.59 -13.52 7.74
C GLN A 29 -4.50 -14.14 8.81
N ASP A 30 -5.59 -13.50 9.13
CA ASP A 30 -6.52 -14.07 10.15
C ASP A 30 -7.96 -13.96 9.65
N VAL A 31 -8.19 -14.31 8.41
CA VAL A 31 -9.56 -14.22 7.86
C VAL A 31 -10.27 -15.57 8.05
N HIS A 32 -10.40 -16.00 9.27
CA HIS A 32 -11.09 -17.31 9.54
C HIS A 32 -11.07 -17.59 11.04
N ASN A 33 -10.00 -17.25 11.70
CA ASN A 33 -9.93 -17.51 13.17
C ASN A 33 -9.81 -19.01 13.43
N PHE A 34 -8.60 -19.49 13.58
CA PHE A 34 -8.41 -20.96 13.83
C PHE A 34 -8.82 -21.28 15.27
N SER A 1 -21.51 20.45 5.79
CA SER A 1 -20.66 19.99 6.92
C SER A 1 -19.23 19.76 6.42
N VAL A 2 -18.48 20.81 6.24
CA VAL A 2 -17.08 20.66 5.75
C VAL A 2 -17.03 19.66 4.59
N SER A 3 -15.85 19.30 4.14
CA SER A 3 -15.74 18.34 3.01
C SER A 3 -15.56 16.92 3.55
N GLU A 4 -15.93 15.94 2.79
CA GLU A 4 -15.77 14.52 3.25
C GLU A 4 -14.36 14.04 2.90
N ILE A 5 -13.97 14.17 1.67
CA ILE A 5 -12.61 13.74 1.26
C ILE A 5 -11.64 14.90 1.41
N GLN A 6 -11.75 15.64 2.47
CA GLN A 6 -10.83 16.80 2.69
C GLN A 6 -9.67 16.37 3.59
N LEU A 7 -9.95 15.69 4.66
CA LEU A 7 -8.84 15.25 5.56
C LEU A 7 -8.01 14.19 4.84
N HIS A 9 -7.18 14.65 1.65
CA HIS A 9 -6.34 15.44 0.71
C HIS A 9 -4.99 15.74 1.39
N ASN A 10 -4.94 15.63 2.69
CA ASN A 10 -3.66 15.89 3.41
C ASN A 10 -2.79 14.63 3.39
N LEU A 11 -3.39 13.48 3.54
CA LEU A 11 -2.59 12.22 3.53
C LEU A 11 -1.69 12.20 2.29
N GLY A 12 -2.23 12.48 1.15
CA GLY A 12 -1.39 12.48 -0.09
C GLY A 12 -1.56 11.14 -0.81
N HIS A 14 -0.84 8.32 0.08
CA HIS A 14 0.00 7.30 0.75
C HIS A 14 0.69 6.46 -0.32
N LEU A 15 1.89 6.03 -0.06
CA LEU A 15 2.64 5.21 -1.06
C LEU A 15 2.20 3.74 -0.98
N ASN A 16 1.01 3.49 -0.52
CA ASN A 16 0.53 2.07 -0.43
C ASN A 16 0.13 1.59 -1.82
N GLU A 17 -0.13 2.51 -2.71
CA GLU A 17 -0.53 2.12 -4.10
C GLU A 17 0.66 1.47 -4.82
N GLU A 19 3.29 0.16 -3.06
CA GLU A 19 4.04 -0.58 -2.02
C GLU A 19 3.89 -2.08 -2.28
N ARG A 20 2.90 -2.46 -3.05
CA ARG A 20 2.69 -3.90 -3.35
C ARG A 20 3.59 -4.27 -4.52
N VAL A 21 3.67 -3.48 -5.55
CA VAL A 21 4.59 -3.84 -6.67
C VAL A 21 5.91 -4.29 -6.02
N GLU A 22 6.17 -3.78 -4.84
CA GLU A 22 7.37 -4.18 -4.07
C GLU A 22 7.18 -5.62 -3.60
N TRP A 23 6.22 -5.78 -2.73
CA TRP A 23 5.96 -7.11 -2.15
C TRP A 23 5.55 -8.07 -3.26
N LEU A 24 4.57 -7.71 -4.03
CA LEU A 24 4.13 -8.55 -5.18
C LEU A 24 5.33 -9.28 -5.78
N ARG A 25 6.48 -8.65 -5.79
CA ARG A 25 7.70 -9.30 -6.36
C ARG A 25 8.06 -10.54 -5.54
N LYS A 26 8.24 -10.37 -4.25
CA LYS A 26 8.59 -11.52 -3.39
C LYS A 26 7.36 -12.40 -3.13
N LYS A 27 6.25 -12.11 -3.78
CA LYS A 27 5.03 -12.93 -3.58
C LYS A 27 5.40 -14.41 -3.52
N LEU A 28 6.08 -14.90 -4.52
CA LEU A 28 6.47 -16.34 -4.52
C LEU A 28 7.40 -16.61 -3.34
N GLN A 29 8.27 -15.68 -3.03
CA GLN A 29 9.20 -15.87 -1.89
C GLN A 29 8.54 -15.38 -0.61
N ASP A 30 7.27 -15.63 -0.46
CA ASP A 30 6.56 -15.18 0.77
C ASP A 30 5.71 -16.33 1.32
N VAL A 31 6.00 -17.53 0.88
CA VAL A 31 5.23 -18.70 1.37
C VAL A 31 6.01 -19.40 2.49
N HIS A 32 5.84 -18.97 3.70
CA HIS A 32 6.58 -19.60 4.83
C HIS A 32 8.07 -19.30 4.70
N ASN A 33 8.45 -18.06 4.86
CA ASN A 33 9.89 -17.69 4.73
C ASN A 33 10.74 -18.73 5.47
N PHE A 34 10.21 -19.33 6.49
CA PHE A 34 10.98 -20.35 7.25
C PHE A 34 12.06 -19.64 8.09
N SER A 1 -16.76 22.60 8.00
CA SER A 1 -15.96 21.82 7.01
C SER A 1 -16.81 20.65 6.50
N VAL A 2 -16.19 19.66 5.91
CA VAL A 2 -16.96 18.50 5.40
C VAL A 2 -15.99 17.44 4.85
N SER A 3 -16.38 16.20 4.86
CA SER A 3 -15.49 15.13 4.34
C SER A 3 -15.10 15.45 2.89
N GLU A 4 -13.93 15.99 2.69
CA GLU A 4 -13.50 16.33 1.30
C GLU A 4 -12.84 15.11 0.66
N ILE A 5 -12.19 14.29 1.45
CA ILE A 5 -11.53 13.08 0.87
C ILE A 5 -12.46 11.88 0.99
N GLN A 6 -13.74 12.11 1.02
CA GLN A 6 -14.69 10.97 1.13
C GLN A 6 -14.99 10.44 -0.28
N LEU A 7 -15.00 11.31 -1.26
CA LEU A 7 -15.27 10.84 -2.64
C LEU A 7 -14.07 10.06 -3.16
N HIS A 9 -12.68 7.84 -1.21
CA HIS A 9 -12.82 6.54 -0.51
C HIS A 9 -13.70 5.61 -1.35
N ASN A 10 -14.21 6.10 -2.45
CA ASN A 10 -15.08 5.24 -3.31
C ASN A 10 -14.23 4.41 -4.26
N LEU A 11 -13.26 5.00 -4.89
CA LEU A 11 -12.39 4.23 -5.84
C LEU A 11 -11.15 3.73 -5.11
N GLY A 12 -10.45 4.60 -4.43
CA GLY A 12 -9.22 4.16 -3.71
C GLY A 12 -8.02 4.33 -4.62
N HIS A 14 -7.07 2.93 -6.87
CA HIS A 14 -6.47 1.59 -7.18
C HIS A 14 -5.59 1.16 -6.01
N LEU A 15 -5.68 -0.09 -5.65
CA LEU A 15 -4.87 -0.61 -4.51
C LEU A 15 -3.48 -1.01 -4.99
N ASN A 16 -2.96 -0.36 -5.99
CA ASN A 16 -1.60 -0.72 -6.49
C ASN A 16 -0.55 -0.03 -5.61
N GLU A 17 -0.96 0.96 -4.87
CA GLU A 17 -0.01 1.69 -3.99
C GLU A 17 0.41 0.79 -2.82
N GLU A 19 0.50 -2.41 -2.88
CA GLU A 19 0.76 -3.77 -3.44
C GLU A 19 2.19 -4.21 -3.09
N ARG A 20 3.17 -3.50 -3.56
CA ARG A 20 4.59 -3.87 -3.25
C ARG A 20 5.02 -3.17 -1.97
N VAL A 21 4.67 -1.93 -1.75
CA VAL A 21 5.06 -1.30 -0.44
C VAL A 21 4.74 -2.33 0.64
N GLU A 22 3.78 -3.18 0.36
CA GLU A 22 3.40 -4.27 1.28
C GLU A 22 4.56 -5.26 1.34
N TRP A 23 4.82 -5.88 0.22
CA TRP A 23 5.87 -6.91 0.14
C TRP A 23 7.22 -6.25 0.32
N LEU A 24 7.48 -5.25 -0.44
CA LEU A 24 8.77 -4.51 -0.33
C LEU A 24 9.26 -4.48 1.12
N ARG A 25 8.35 -4.45 2.06
CA ARG A 25 8.75 -4.40 3.49
C ARG A 25 8.92 -5.83 4.06
N LYS A 26 8.05 -6.74 3.72
CA LYS A 26 8.18 -8.12 4.27
C LYS A 26 8.87 -9.04 3.25
N LYS A 27 8.37 -9.09 2.05
CA LYS A 27 8.99 -9.97 1.02
C LYS A 27 10.44 -9.52 0.75
N LEU A 28 11.39 -10.31 1.17
CA LEU A 28 12.83 -9.94 0.94
C LEU A 28 13.17 -8.65 1.68
N GLN A 29 12.57 -8.43 2.81
CA GLN A 29 12.87 -7.19 3.58
C GLN A 29 12.47 -7.39 5.04
N ASP A 30 12.54 -8.60 5.51
CA ASP A 30 12.18 -8.88 6.93
C ASP A 30 13.30 -9.69 7.60
N VAL A 31 14.41 -9.84 6.93
CA VAL A 31 15.54 -10.61 7.52
C VAL A 31 15.18 -12.11 7.53
N HIS A 32 15.79 -12.88 6.69
CA HIS A 32 15.49 -14.34 6.66
C HIS A 32 16.79 -15.14 6.61
N ASN A 33 17.39 -15.24 5.45
CA ASN A 33 18.67 -15.99 5.33
C ASN A 33 19.78 -15.06 4.84
N PHE A 34 19.54 -14.35 3.78
CA PHE A 34 20.58 -13.41 3.26
C PHE A 34 20.13 -11.96 3.50
N SER A 1 -2.83 24.23 8.16
CA SER A 1 -3.10 23.03 7.31
C SER A 1 -2.05 21.94 7.62
N VAL A 2 -2.48 20.74 7.86
CA VAL A 2 -1.52 19.66 8.16
C VAL A 2 -1.44 18.70 6.97
N SER A 3 -1.76 19.17 5.79
CA SER A 3 -1.70 18.29 4.60
C SER A 3 -0.25 18.18 4.14
N GLU A 4 0.46 17.21 4.62
CA GLU A 4 1.89 17.03 4.22
C GLU A 4 1.96 16.03 3.06
N ILE A 5 1.85 14.76 3.35
CA ILE A 5 1.91 13.75 2.26
C ILE A 5 0.48 13.41 1.81
N GLN A 6 -0.44 14.31 2.01
CA GLN A 6 -1.84 14.04 1.59
C GLN A 6 -2.03 14.48 0.14
N LEU A 7 -1.46 15.59 -0.24
CA LEU A 7 -1.63 16.05 -1.65
C LEU A 7 -0.97 15.05 -2.60
N HIS A 9 -1.34 11.80 -1.99
CA HIS A 9 -2.36 10.73 -2.00
C HIS A 9 -3.54 11.19 -2.87
N ASN A 10 -3.67 12.48 -3.03
CA ASN A 10 -4.78 13.02 -3.86
C ASN A 10 -4.38 13.02 -5.34
N LEU A 11 -3.48 13.88 -5.72
CA LEU A 11 -3.05 13.93 -7.15
C LEU A 11 -1.74 13.18 -7.34
N GLY A 12 -1.17 12.67 -6.27
CA GLY A 12 0.11 11.93 -6.40
C GLY A 12 -0.15 10.42 -6.36
N HIS A 14 0.07 7.59 -7.88
CA HIS A 14 0.60 6.96 -9.12
C HIS A 14 0.19 5.49 -9.17
N LEU A 15 1.10 4.59 -9.44
CA LEU A 15 0.72 3.15 -9.50
C LEU A 15 0.81 2.55 -8.10
N ASN A 16 0.83 3.37 -7.09
CA ASN A 16 0.91 2.85 -5.70
C ASN A 16 -0.41 2.17 -5.35
N GLU A 17 -1.43 2.41 -6.13
CA GLU A 17 -2.76 1.78 -5.86
C GLU A 17 -2.64 0.27 -6.09
N GLU A 19 -0.16 -1.49 -5.60
CA GLU A 19 1.05 -1.95 -4.86
C GLU A 19 0.66 -3.01 -3.82
N ARG A 20 -0.60 -3.10 -3.50
CA ARG A 20 -1.03 -4.11 -2.48
C ARG A 20 -1.23 -5.47 -3.15
N VAL A 21 -1.91 -5.55 -4.27
CA VAL A 21 -2.05 -6.89 -4.91
C VAL A 21 -0.67 -7.57 -4.86
N GLU A 22 0.36 -6.77 -4.81
CA GLU A 22 1.73 -7.30 -4.69
C GLU A 22 1.90 -7.83 -3.28
N TRP A 23 1.86 -6.93 -2.35
CA TRP A 23 2.06 -7.27 -0.94
C TRP A 23 0.91 -8.11 -0.44
N LEU A 24 -0.29 -7.66 -0.62
CA LEU A 24 -1.47 -8.45 -0.17
C LEU A 24 -1.22 -9.96 -0.41
N ARG A 25 -0.66 -10.30 -1.55
CA ARG A 25 -0.40 -11.74 -1.85
C ARG A 25 0.29 -12.40 -0.64
N LYS A 26 1.34 -11.80 -0.16
CA LYS A 26 2.08 -12.38 1.01
C LYS A 26 1.33 -12.06 2.32
N LYS A 27 0.02 -12.06 2.31
CA LYS A 27 -0.74 -11.76 3.55
C LYS A 27 -1.31 -13.06 4.14
N LEU A 28 -1.52 -14.05 3.32
CA LEU A 28 -2.07 -15.34 3.85
C LEU A 28 -1.43 -16.51 3.10
N GLN A 29 -0.36 -16.27 2.40
CA GLN A 29 0.30 -17.39 1.66
C GLN A 29 1.71 -17.63 2.22
N ASP A 30 2.18 -16.76 3.08
CA ASP A 30 3.54 -16.95 3.65
C ASP A 30 3.43 -17.65 5.01
N VAL A 31 2.52 -17.22 5.84
CA VAL A 31 2.35 -17.86 7.17
C VAL A 31 3.73 -18.17 7.77
N HIS A 32 4.72 -17.40 7.44
CA HIS A 32 6.08 -17.65 8.00
C HIS A 32 6.16 -17.11 9.43
N ASN A 33 6.08 -15.82 9.59
CA ASN A 33 6.15 -15.23 10.95
C ASN A 33 5.19 -15.97 11.87
N PHE A 34 3.94 -16.03 11.51
CA PHE A 34 2.94 -16.73 12.37
C PHE A 34 1.63 -16.90 11.60
N SER A 1 -2.01 24.58 -3.39
CA SER A 1 -0.57 24.28 -3.15
C SER A 1 -0.41 23.62 -1.78
N VAL A 2 -1.48 23.20 -1.18
CA VAL A 2 -1.40 22.56 0.16
C VAL A 2 -1.21 21.05 -0.02
N SER A 3 -1.11 20.32 1.05
CA SER A 3 -0.94 18.84 0.94
C SER A 3 -2.30 18.17 0.90
N GLU A 4 -3.32 18.93 0.63
CA GLU A 4 -4.69 18.35 0.56
C GLU A 4 -4.95 17.90 -0.88
N ILE A 5 -4.61 18.73 -1.82
CA ILE A 5 -4.82 18.36 -3.25
C ILE A 5 -3.73 17.35 -3.65
N GLN A 6 -3.52 17.14 -4.92
CA GLN A 6 -2.49 16.16 -5.37
C GLN A 6 -3.03 14.74 -5.26
N LEU A 7 -3.19 14.23 -4.08
CA LEU A 7 -3.74 12.84 -3.95
C LEU A 7 -5.18 12.82 -4.43
N HIS A 9 -6.00 14.62 -7.10
CA HIS A 9 -5.87 14.77 -8.57
C HIS A 9 -5.82 13.39 -9.23
N ASN A 10 -5.29 12.41 -8.54
CA ASN A 10 -5.21 11.05 -9.13
C ASN A 10 -6.62 10.57 -9.48
N LEU A 11 -7.44 10.36 -8.49
CA LEU A 11 -8.83 9.89 -8.75
C LEU A 11 -9.54 9.65 -7.42
N GLY A 12 -9.50 10.61 -6.54
CA GLY A 12 -10.17 10.44 -5.22
C GLY A 12 -9.19 9.84 -4.21
N HIS A 14 -6.08 6.41 -4.45
CA HIS A 14 -5.00 5.73 -5.21
C HIS A 14 -5.05 4.23 -4.90
N LEU A 15 -4.79 3.41 -5.88
CA LEU A 15 -4.83 1.94 -5.65
C LEU A 15 -3.54 1.47 -4.98
N ASN A 16 -2.72 2.39 -4.57
CA ASN A 16 -1.44 2.02 -3.90
C ASN A 16 -1.70 1.79 -2.41
N GLU A 17 -2.84 2.21 -1.93
CA GLU A 17 -3.15 2.02 -0.49
C GLU A 17 -3.41 0.54 -0.21
N GLU A 19 -2.25 -1.80 -1.82
CA GLU A 19 -1.16 -2.55 -2.52
C GLU A 19 -0.15 -3.05 -1.47
N ARG A 20 0.02 -2.34 -0.40
CA ARG A 20 0.99 -2.77 0.64
C ARG A 20 0.27 -3.65 1.65
N VAL A 21 -0.77 -3.19 2.30
CA VAL A 21 -1.47 -4.10 3.25
C VAL A 21 -1.62 -5.45 2.53
N GLU A 22 -1.67 -5.39 1.22
CA GLU A 22 -1.74 -6.62 0.41
C GLU A 22 -0.42 -7.36 0.59
N TRP A 23 0.60 -6.80 0.02
CA TRP A 23 1.92 -7.42 0.08
C TRP A 23 2.30 -7.58 1.54
N LEU A 24 2.34 -6.52 2.26
CA LEU A 24 2.68 -6.59 3.71
C LEU A 24 2.04 -7.83 4.35
N ARG A 25 0.91 -8.26 3.86
CA ARG A 25 0.26 -9.46 4.46
C ARG A 25 1.23 -10.64 4.41
N LYS A 26 1.76 -10.93 3.25
CA LYS A 26 2.72 -12.06 3.13
C LYS A 26 3.91 -11.83 4.07
N LYS A 27 4.17 -10.60 4.42
CA LYS A 27 5.31 -10.30 5.33
C LYS A 27 5.15 -11.08 6.63
N LEU A 28 3.94 -11.25 7.09
CA LEU A 28 3.73 -12.01 8.36
C LEU A 28 3.57 -13.50 8.05
N GLN A 29 2.82 -13.83 7.05
CA GLN A 29 2.63 -15.27 6.70
C GLN A 29 3.73 -15.73 5.75
N ASP A 30 4.87 -15.11 5.80
CA ASP A 30 5.98 -15.51 4.89
C ASP A 30 6.62 -16.79 5.44
N VAL A 31 6.92 -16.81 6.70
CA VAL A 31 7.54 -18.04 7.30
C VAL A 31 8.97 -18.16 6.80
N HIS A 32 9.91 -18.34 7.70
CA HIS A 32 11.33 -18.48 7.25
C HIS A 32 11.38 -19.47 6.09
N ASN A 33 10.72 -20.58 6.23
CA ASN A 33 10.70 -21.61 5.14
C ASN A 33 12.05 -21.66 4.42
N PHE A 34 12.96 -22.45 4.92
CA PHE A 34 14.29 -22.53 4.26
C PHE A 34 14.87 -21.12 4.08
#